data_9B3C
#
_entry.id   9B3C
#
_cell.length_a   1.00
_cell.length_b   1.00
_cell.length_c   1.00
_cell.angle_alpha   90.00
_cell.angle_beta   90.00
_cell.angle_gamma   90.00
#
_symmetry.space_group_name_H-M   'P 1'
#
loop_
_entity.id
_entity.type
_entity.pdbx_description
1 polymer 'Microtubule-associated protein tau'
2 polymer GLY-SER-VAL-GLN-ILE-VAL-TYR
3 non-polymer 'AMINO GROUP'
4 non-polymer 1,3-dimethylbenzene
#
loop_
_entity_poly.entity_id
_entity_poly.type
_entity_poly.pdbx_seq_one_letter_code
_entity_poly.pdbx_strand_id
1 'polypeptide(L)' (ACE)CDNIKHVPGGGSVQIVYKPVC A,G,M,S,C,I,O,U,E,K,Q,W,Y,a,c
2 'polypeptide(L)' GSVQIVY B,H,N,T,D,J,P,V,F,L,R,X,Z,b,d
#
# COMPACT_ATOMS: atom_id res chain seq x y z
N CYS A 2 14.15 3.98 -0.09
CA CYS A 2 15.27 4.89 -0.02
C CYS A 2 15.85 4.91 1.38
N ASP A 3 17.17 4.76 1.49
CA ASP A 3 17.84 4.71 2.77
C ASP A 3 19.06 5.61 2.75
N ASN A 4 19.33 6.24 3.89
CA ASN A 4 20.52 7.08 4.07
C ASN A 4 20.61 8.16 3.00
N ILE A 5 19.51 8.84 2.74
CA ILE A 5 19.50 9.96 1.80
C ILE A 5 19.92 11.21 2.54
N LYS A 6 20.78 12.01 1.93
CA LYS A 6 21.31 13.22 2.53
C LYS A 6 21.02 14.38 1.59
N HIS A 7 19.88 15.05 1.81
CA HIS A 7 19.42 16.12 0.94
C HIS A 7 19.76 17.45 1.60
N VAL A 8 20.86 18.05 1.16
CA VAL A 8 21.32 19.33 1.70
C VAL A 8 21.66 20.28 0.55
N PRO A 9 20.66 20.77 -0.19
CA PRO A 9 20.96 21.63 -1.35
C PRO A 9 21.69 22.91 -1.02
N GLY A 10 21.60 23.41 0.20
CA GLY A 10 22.18 24.72 0.47
C GLY A 10 21.49 25.83 -0.30
N GLY A 11 20.17 25.83 -0.29
CA GLY A 11 19.39 26.83 -1.00
C GLY A 11 17.91 26.51 -0.92
N GLY A 12 17.17 26.77 -1.99
CA GLY A 12 15.78 26.40 -2.03
C GLY A 12 15.60 24.97 -2.50
N SER A 13 14.65 24.28 -1.89
CA SER A 13 14.41 22.88 -2.20
C SER A 13 12.93 22.66 -2.47
N VAL A 14 12.63 22.06 -3.63
CA VAL A 14 11.28 21.67 -3.98
C VAL A 14 11.33 20.21 -4.38
N GLN A 15 10.55 19.38 -3.68
CA GLN A 15 10.46 17.96 -3.99
C GLN A 15 9.01 17.66 -4.33
N ILE A 16 8.76 17.27 -5.57
CA ILE A 16 7.43 16.88 -6.03
C ILE A 16 7.50 15.42 -6.40
N VAL A 17 6.87 14.57 -5.61
CA VAL A 17 6.87 13.13 -5.82
C VAL A 17 5.43 12.71 -6.05
N TYR A 18 5.17 12.07 -7.18
CA TYR A 18 3.82 11.74 -7.60
C TYR A 18 3.64 10.23 -7.62
N LYS A 19 2.77 9.72 -6.75
CA LYS A 19 2.47 8.30 -6.59
C LYS A 19 3.71 7.41 -6.55
N PRO A 20 4.60 7.60 -5.58
CA PRO A 20 5.70 6.63 -5.43
C PRO A 20 5.20 5.33 -4.85
N VAL A 21 5.85 4.24 -5.23
CA VAL A 21 5.65 2.94 -4.63
C VAL A 21 7.00 2.49 -4.12
N CYS A 22 7.22 2.58 -2.82
CA CYS A 22 8.51 2.26 -2.25
C CYS A 22 8.41 1.04 -1.33
N CYS B 2 10.99 4.64 3.48
CA CYS B 2 12.13 5.54 3.58
C CYS B 2 12.70 5.54 4.98
N ASP B 3 14.02 5.35 5.09
CA ASP B 3 14.69 5.28 6.38
C ASP B 3 15.92 6.16 6.37
N ASN B 4 16.19 6.78 7.52
CA ASN B 4 17.39 7.59 7.71
C ASN B 4 17.51 8.68 6.66
N ILE B 5 16.42 9.39 6.41
CA ILE B 5 16.44 10.50 5.47
C ILE B 5 16.86 11.75 6.24
N LYS B 6 17.73 12.55 5.64
CA LYS B 6 18.29 13.73 6.26
C LYS B 6 18.01 14.91 5.34
N HIS B 7 16.90 15.59 5.56
CA HIS B 7 16.45 16.69 4.71
C HIS B 7 16.81 18.00 5.38
N VAL B 8 17.93 18.59 4.96
CA VAL B 8 18.40 19.85 5.52
C VAL B 8 18.76 20.82 4.39
N PRO B 9 17.78 21.34 3.65
CA PRO B 9 18.10 22.19 2.50
C PRO B 9 18.84 23.47 2.85
N GLY B 10 18.75 23.95 4.08
CA GLY B 10 19.35 25.24 4.37
C GLY B 10 18.69 26.37 3.61
N GLY B 11 17.36 26.40 3.62
CA GLY B 11 16.60 27.42 2.92
C GLY B 11 15.12 27.13 2.99
N GLY B 12 14.39 27.41 1.93
CA GLY B 12 12.98 27.07 1.87
C GLY B 12 12.79 25.65 1.38
N SER B 13 11.82 24.96 1.97
CA SER B 13 11.57 23.56 1.65
C SER B 13 10.08 23.37 1.36
N VAL B 14 9.77 22.80 0.20
CA VAL B 14 8.41 22.43 -0.16
C VAL B 14 8.44 20.98 -0.58
N GLN B 15 7.65 20.14 0.10
CA GLN B 15 7.53 18.74 -0.22
C GLN B 15 6.08 18.46 -0.57
N ILE B 16 5.83 18.09 -1.82
CA ILE B 16 4.50 17.74 -2.29
C ILE B 16 4.55 16.28 -2.68
N VAL B 17 3.90 15.42 -1.90
CA VAL B 17 3.88 13.99 -2.14
C VAL B 17 2.44 13.59 -2.38
N TYR B 18 2.17 12.97 -3.52
CA TYR B 18 0.81 12.68 -3.95
C TYR B 18 0.61 11.17 -3.99
N LYS B 19 -0.26 10.66 -3.14
CA LYS B 19 -0.59 9.24 -2.99
C LYS B 19 0.63 8.33 -2.95
N PRO B 20 1.53 8.49 -1.98
CA PRO B 20 2.60 7.51 -1.84
C PRO B 20 2.09 6.20 -1.27
N VAL B 21 2.72 5.12 -1.69
CA VAL B 21 2.49 3.80 -1.09
C VAL B 21 3.84 3.32 -0.59
N CYS B 22 4.05 3.40 0.72
CA CYS B 22 5.33 3.04 1.29
C CYS B 22 5.21 1.82 2.18
N CYS C 2 7.84 5.31 7.06
CA CYS C 2 8.99 6.19 7.17
C CYS C 2 9.55 6.14 8.58
N ASP C 3 10.86 5.94 8.68
CA ASP C 3 11.52 5.85 9.97
C ASP C 3 12.78 6.70 9.99
N ASN C 4 13.05 7.30 11.14
CA ASN C 4 14.26 8.10 11.35
C ASN C 4 14.40 9.19 10.31
N ILE C 5 13.32 9.92 10.07
CA ILE C 5 13.37 11.06 9.16
C ILE C 5 13.80 12.29 9.94
N LYS C 6 14.69 13.07 9.36
CA LYS C 6 15.27 14.24 10.00
C LYS C 6 15.01 15.43 9.08
N HIS C 7 13.90 16.13 9.32
CA HIS C 7 13.47 17.24 8.47
C HIS C 7 13.86 18.55 9.17
N VAL C 8 14.98 19.12 8.75
CA VAL C 8 15.47 20.37 9.34
C VAL C 8 15.86 21.35 8.22
N PRO C 9 14.88 21.89 7.48
CA PRO C 9 15.22 22.76 6.35
C PRO C 9 15.98 24.01 6.72
N GLY C 10 15.89 24.49 7.96
CA GLY C 10 16.51 25.76 8.27
C GLY C 10 15.87 26.90 7.53
N GLY C 11 14.54 26.95 7.53
CA GLY C 11 13.80 28.00 6.84
C GLY C 11 12.31 27.73 6.90
N GLY C 12 11.59 28.04 5.83
CA GLY C 12 10.18 27.72 5.78
C GLY C 12 9.97 26.31 5.25
N SER C 13 8.99 25.62 5.84
CA SER C 13 8.71 24.24 5.49
C SER C 13 7.23 24.07 5.21
N VAL C 14 6.91 23.52 4.03
CA VAL C 14 5.55 23.19 3.65
C VAL C 14 5.55 21.73 3.21
N GLN C 15 4.75 20.91 3.89
CA GLN C 15 4.60 19.50 3.54
C GLN C 15 3.15 19.26 3.18
N ILE C 16 2.91 18.90 1.92
CA ILE C 16 1.57 18.58 1.45
C ILE C 16 1.60 17.12 1.03
N VAL C 17 0.93 16.28 1.80
CA VAL C 17 0.89 14.84 1.54
C VAL C 17 -0.56 14.48 1.29
N TYR C 18 -0.84 13.87 0.15
CA TYR C 18 -2.20 13.60 -0.30
C TYR C 18 -2.41 12.10 -0.36
N LYS C 19 -3.31 11.59 0.49
CA LYS C 19 -3.65 10.18 0.62
C LYS C 19 -2.45 9.25 0.64
N PRO C 20 -1.55 9.38 1.61
CA PRO C 20 -0.49 8.39 1.75
C PRO C 20 -1.03 7.08 2.28
N VAL C 21 -0.42 5.98 1.87
CA VAL C 21 -0.67 4.67 2.45
C VAL C 21 0.67 4.15 2.95
N CYS C 22 0.88 4.22 4.25
CA CYS C 22 2.16 3.83 4.82
C CYS C 22 2.02 2.59 5.70
N CYS D 2 4.67 5.98 10.63
CA CYS D 2 5.84 6.84 10.76
C CYS D 2 6.39 6.77 12.17
N ASP D 3 7.71 6.54 12.28
CA ASP D 3 8.36 6.41 13.57
C ASP D 3 9.62 7.25 13.60
N ASN D 4 9.90 7.82 14.76
CA ASN D 4 11.12 8.60 14.99
C ASN D 4 11.28 9.71 13.97
N ILE D 5 10.22 10.45 13.73
CA ILE D 5 10.28 11.61 12.83
C ILE D 5 10.73 12.81 13.63
N LYS D 6 11.64 13.60 13.06
CA LYS D 6 12.23 14.75 13.73
C LYS D 6 12.00 15.96 12.83
N HIS D 7 10.91 16.66 13.06
CA HIS D 7 10.49 17.80 12.24
C HIS D 7 10.90 19.09 12.95
N VAL D 8 12.03 19.65 12.55
CA VAL D 8 12.53 20.88 13.15
C VAL D 8 12.94 21.86 12.04
N PRO D 9 11.98 22.43 11.31
CA PRO D 9 12.34 23.31 10.20
C PRO D 9 13.11 24.55 10.59
N GLY D 10 13.04 25.00 11.83
CA GLY D 10 13.66 26.27 12.16
C GLY D 10 13.04 27.43 11.43
N GLY D 11 11.71 27.50 11.42
CA GLY D 11 11.00 28.56 10.75
C GLY D 11 9.51 28.32 10.81
N GLY D 12 8.80 28.66 9.74
CA GLY D 12 7.38 28.36 9.67
C GLY D 12 7.15 26.96 9.13
N SER D 13 6.16 26.29 9.70
CA SER D 13 5.86 24.91 9.33
C SER D 13 4.37 24.76 9.04
N VAL D 14 4.06 24.25 7.85
CA VAL D 14 2.68 23.93 7.47
C VAL D 14 2.66 22.48 7.01
N GLN D 15 1.85 21.66 7.66
CA GLN D 15 1.68 20.27 7.29
C GLN D 15 0.23 20.05 6.93
N ILE D 16 -0.02 19.73 5.67
CA ILE D 16 -1.35 19.42 5.18
C ILE D 16 -1.35 17.97 4.75
N VAL D 17 -2.03 17.12 5.51
CA VAL D 17 -2.10 15.70 5.23
C VAL D 17 -3.55 15.35 4.97
N TYR D 18 -3.84 14.77 3.81
CA TYR D 18 -5.20 14.53 3.36
C TYR D 18 -5.44 13.02 3.27
N LYS D 19 -6.35 12.53 4.11
CA LYS D 19 -6.71 11.12 4.22
C LYS D 19 -5.52 10.16 4.23
N PRO D 20 -4.62 10.27 5.21
CA PRO D 20 -3.58 9.26 5.34
C PRO D 20 -4.15 7.95 5.86
N VAL D 21 -3.55 6.85 5.42
CA VAL D 21 -3.81 5.54 5.98
C VAL D 21 -2.49 4.99 6.47
N CYS D 22 -2.29 5.04 7.79
CA CYS D 22 -1.02 4.62 8.36
C CYS D 22 -1.18 3.37 9.21
N GLY E 1 20.25 31.57 -4.53
CA GLY E 1 19.90 30.17 -4.61
C GLY E 1 18.44 29.91 -4.31
N SER E 2 17.56 30.66 -4.95
CA SER E 2 16.13 30.52 -4.75
C SER E 2 15.53 29.61 -5.81
N VAL E 3 14.28 29.22 -5.59
CA VAL E 3 13.55 28.34 -6.50
C VAL E 3 12.23 28.99 -6.86
N GLN E 4 11.93 29.04 -8.15
CA GLN E 4 10.67 29.57 -8.65
C GLN E 4 10.04 28.58 -9.61
N ILE E 5 8.79 28.20 -9.34
CA ILE E 5 8.07 27.23 -10.14
C ILE E 5 6.79 27.88 -10.64
N VAL E 6 6.54 27.78 -11.95
CA VAL E 6 5.33 28.31 -12.56
C VAL E 6 4.78 27.22 -13.48
N TYR E 7 3.48 26.97 -13.39
CA TYR E 7 2.83 26.03 -14.30
C TYR E 7 2.06 26.77 -15.39
N GLY F 1 17.55 32.20 -0.54
CA GLY F 1 17.17 30.81 -0.65
C GLY F 1 15.71 30.55 -0.35
N SER F 2 14.84 31.34 -0.99
CA SER F 2 13.41 31.22 -0.79
C SER F 2 12.79 30.33 -1.87
N VAL F 3 11.54 29.96 -1.66
CA VAL F 3 10.80 29.10 -2.58
C VAL F 3 9.49 29.78 -2.93
N GLN F 4 9.20 29.84 -4.23
CA GLN F 4 7.95 30.42 -4.73
C GLN F 4 7.31 29.43 -5.70
N ILE F 5 6.06 29.08 -5.44
CA ILE F 5 5.32 28.12 -6.25
C ILE F 5 4.05 28.80 -6.76
N VAL F 6 3.81 28.73 -8.06
CA VAL F 6 2.61 29.29 -8.68
C VAL F 6 2.05 28.22 -9.60
N TYR F 7 0.74 27.98 -9.52
CA TYR F 7 0.08 27.07 -10.46
C TYR F 7 -0.68 27.84 -11.54
N GLY G 1 14.85 32.81 3.45
CA GLY G 1 14.44 31.41 3.33
C GLY G 1 12.97 31.20 3.62
N SER G 2 12.12 32.00 2.98
CA SER G 2 10.69 31.90 3.16
C SER G 2 10.07 31.04 2.07
N VAL G 3 8.80 30.69 2.27
CA VAL G 3 8.06 29.84 1.35
C VAL G 3 6.76 30.55 0.99
N GLN G 4 6.47 30.64 -0.30
CA GLN G 4 5.23 31.23 -0.80
C GLN G 4 4.58 30.28 -1.78
N ILE G 5 3.32 29.95 -1.54
CA ILE G 5 2.57 29.01 -2.37
C ILE G 5 1.32 29.72 -2.87
N VAL G 6 1.09 29.67 -4.17
CA VAL G 6 -0.11 30.24 -4.78
C VAL G 6 -0.69 29.20 -5.73
N TYR G 7 -2.00 28.99 -5.66
CA TYR G 7 -2.66 28.10 -6.60
C TYR G 7 -3.41 28.90 -7.67
N GLY H 1 12.13 33.41 7.43
CA GLY H 1 11.71 32.03 7.29
C GLY H 1 10.24 31.82 7.56
N SER H 2 9.40 32.65 6.95
CA SER H 2 7.96 32.57 7.12
C SER H 2 7.33 31.73 6.01
N VAL H 3 6.06 31.39 6.21
CA VAL H 3 5.31 30.58 5.26
C VAL H 3 4.02 31.31 4.91
N GLN H 4 3.73 31.43 3.61
CA GLN H 4 2.52 32.04 3.13
C GLN H 4 1.85 31.12 2.13
N ILE H 5 0.58 30.79 2.37
CA ILE H 5 -0.19 29.88 1.53
C ILE H 5 -1.41 30.62 1.03
N VAL H 6 -1.64 30.59 -0.27
CA VAL H 6 -2.83 31.20 -0.89
C VAL H 6 -3.43 30.18 -1.85
N TYR H 7 -4.74 29.98 -1.78
CA TYR H 7 -5.41 29.12 -2.74
C TYR H 7 -6.14 29.94 -3.80
N CYS I 2 0.14 3.89 -15.36
CA CYS I 2 -0.45 4.02 -16.67
C CYS I 2 -1.16 5.36 -16.80
N ASP I 3 -0.87 6.09 -17.88
CA ASP I 3 -1.45 7.40 -18.10
C ASP I 3 -1.95 7.51 -19.52
N ASN I 4 -3.07 8.22 -19.69
CA ASN I 4 -3.65 8.50 -20.99
C ASN I 4 -3.90 7.22 -21.79
N ILE I 5 -4.49 6.23 -21.14
CA ILE I 5 -4.86 4.99 -21.81
C ILE I 5 -6.23 5.18 -22.44
N LYS I 6 -6.39 4.71 -23.67
CA LYS I 6 -7.61 4.88 -24.44
C LYS I 6 -8.07 3.49 -24.87
N HIS I 7 -8.92 2.87 -24.07
CA HIS I 7 -9.37 1.50 -24.29
C HIS I 7 -10.76 1.56 -24.92
N VAL I 8 -10.82 1.43 -26.24
CA VAL I 8 -12.08 1.46 -26.97
C VAL I 8 -12.15 0.29 -27.95
N PRO I 9 -12.30 -0.94 -27.46
CA PRO I 9 -12.28 -2.09 -28.37
C PRO I 9 -13.38 -2.11 -29.39
N GLY I 10 -14.49 -1.42 -29.17
CA GLY I 10 -15.60 -1.55 -30.10
C GLY I 10 -16.17 -2.94 -30.12
N GLY I 11 -16.41 -3.52 -28.95
CA GLY I 11 -16.94 -4.86 -28.83
C GLY I 11 -16.98 -5.30 -27.38
N GLY I 12 -16.72 -6.58 -27.13
CA GLY I 12 -16.64 -7.05 -25.76
C GLY I 12 -15.24 -6.85 -25.20
N SER I 13 -15.17 -6.47 -23.93
CA SER I 13 -13.90 -6.18 -23.27
C SER I 13 -13.81 -6.94 -21.96
N VAL I 14 -12.75 -7.70 -21.79
CA VAL I 14 -12.45 -8.39 -20.53
C VAL I 14 -11.04 -8.02 -20.14
N GLN I 15 -10.89 -7.44 -18.95
CA GLN I 15 -9.58 -7.07 -18.42
C GLN I 15 -9.39 -7.83 -17.11
N ILE I 16 -8.42 -8.72 -17.09
CA ILE I 16 -8.07 -9.49 -15.91
C ILE I 16 -6.66 -9.08 -15.52
N VAL I 17 -6.53 -8.36 -14.42
CA VAL I 17 -5.25 -7.88 -13.94
C VAL I 17 -5.02 -8.49 -12.57
N TYR I 18 -3.90 -9.20 -12.41
CA TYR I 18 -3.63 -9.96 -11.21
C TYR I 18 -2.42 -9.37 -10.49
N LYS I 19 -2.66 -8.84 -9.29
CA LYS I 19 -1.65 -8.20 -8.45
C LYS I 19 -0.75 -7.23 -9.19
N PRO I 20 -1.28 -6.17 -9.79
CA PRO I 20 -0.42 -5.14 -10.35
C PRO I 20 0.23 -4.32 -9.25
N VAL I 21 1.45 -3.84 -9.53
CA VAL I 21 2.11 -2.86 -8.69
C VAL I 21 2.43 -1.68 -9.58
N CYS I 22 1.65 -0.62 -9.45
CA CYS I 22 1.80 0.54 -10.31
C CYS I 22 2.26 1.75 -9.51
N CYS J 2 -2.96 5.00 -11.82
CA CYS J 2 -3.54 5.15 -13.14
C CYS J 2 -4.22 6.51 -13.26
N ASP J 3 -3.92 7.24 -14.32
CA ASP J 3 -4.48 8.57 -14.52
C ASP J 3 -4.97 8.70 -15.95
N ASN J 4 -6.07 9.43 -16.11
CA ASN J 4 -6.65 9.74 -17.42
C ASN J 4 -6.92 8.48 -18.23
N ILE J 5 -7.53 7.48 -17.59
CA ILE J 5 -7.91 6.27 -18.28
C ILE J 5 -9.28 6.49 -18.91
N LYS J 6 -9.43 6.03 -20.15
CA LYS J 6 -10.66 6.23 -20.92
C LYS J 6 -11.14 4.85 -21.37
N HIS J 7 -11.99 4.24 -20.58
CA HIS J 7 -12.48 2.88 -20.82
C HIS J 7 -13.86 2.97 -21.46
N VAL J 8 -13.91 2.85 -22.78
CA VAL J 8 -15.17 2.92 -23.51
C VAL J 8 -15.25 1.76 -24.51
N PRO J 9 -15.42 0.53 -24.05
CA PRO J 9 -15.42 -0.62 -24.96
C PRO J 9 -16.52 -0.59 -26.00
N GLY J 10 -17.62 0.11 -25.76
CA GLY J 10 -18.72 0.01 -26.70
C GLY J 10 -19.33 -1.38 -26.74
N GLY J 11 -19.57 -1.97 -25.58
CA GLY J 11 -20.13 -3.30 -25.49
C GLY J 11 -20.18 -3.75 -24.04
N GLY J 12 -19.93 -5.04 -23.80
CA GLY J 12 -19.86 -5.53 -22.44
C GLY J 12 -18.46 -5.36 -21.88
N SER J 13 -18.40 -5.00 -20.60
CA SER J 13 -17.13 -4.75 -19.93
C SER J 13 -17.07 -5.52 -18.63
N VAL J 14 -16.00 -6.29 -18.46
CA VAL J 14 -15.73 -7.01 -17.23
C VAL J 14 -14.31 -6.66 -16.82
N GLN J 15 -14.15 -6.10 -15.63
CA GLN J 15 -12.84 -5.77 -15.07
C GLN J 15 -12.67 -6.54 -13.78
N ILE J 16 -11.70 -7.46 -13.77
CA ILE J 16 -11.38 -8.24 -12.59
C ILE J 16 -9.97 -7.87 -12.20
N VAL J 17 -9.83 -7.16 -11.08
CA VAL J 17 -8.54 -6.71 -10.60
C VAL J 17 -8.33 -7.35 -9.23
N TYR J 18 -7.23 -8.06 -9.08
CA TYR J 18 -6.97 -8.86 -7.88
C TYR J 18 -5.75 -8.29 -7.15
N LYS J 19 -5.98 -7.78 -5.95
CA LYS J 19 -4.97 -7.17 -5.09
C LYS J 19 -4.04 -6.20 -5.82
N PRO J 20 -4.56 -5.12 -6.41
CA PRO J 20 -3.68 -4.10 -6.95
C PRO J 20 -3.02 -3.30 -5.84
N VAL J 21 -1.81 -2.84 -6.10
CA VAL J 21 -1.12 -1.89 -5.25
C VAL J 21 -0.79 -0.69 -6.12
N CYS J 22 -1.55 0.38 -5.98
CA CYS J 22 -1.37 1.55 -6.82
C CYS J 22 -0.90 2.74 -6.01
N CYS K 2 -6.04 6.10 -8.29
CA CYS K 2 -6.63 6.28 -9.61
C CYS K 2 -7.29 7.64 -9.70
N ASP K 3 -6.97 8.39 -10.75
CA ASP K 3 -7.50 9.73 -10.95
C ASP K 3 -7.99 9.90 -12.37
N ASN K 4 -9.09 10.65 -12.52
CA ASN K 4 -9.65 10.97 -13.83
C ASN K 4 -9.93 9.74 -14.66
N ILE K 5 -10.56 8.74 -14.04
CA ILE K 5 -10.95 7.54 -14.75
C ILE K 5 -12.32 7.78 -15.38
N LYS K 6 -12.48 7.36 -16.63
CA LYS K 6 -13.70 7.58 -17.40
C LYS K 6 -14.19 6.22 -17.87
N HIS K 7 -15.06 5.60 -17.09
CA HIS K 7 -15.57 4.26 -17.35
C HIS K 7 -16.94 4.38 -17.99
N VAL K 8 -16.99 4.28 -19.32
CA VAL K 8 -18.25 4.39 -20.06
C VAL K 8 -18.34 3.24 -21.07
N PRO K 9 -18.54 2.00 -20.61
CA PRO K 9 -18.55 0.87 -21.56
C PRO K 9 -19.64 0.92 -22.59
N GLY K 10 -20.73 1.65 -22.35
CA GLY K 10 -21.84 1.58 -23.29
C GLY K 10 -22.46 0.20 -23.36
N GLY K 11 -22.72 -0.41 -22.21
CA GLY K 11 -23.29 -1.73 -22.13
C GLY K 11 -23.36 -2.21 -20.70
N GLY K 12 -23.13 -3.49 -20.48
CA GLY K 12 -23.08 -4.01 -19.11
C GLY K 12 -21.68 -3.87 -18.55
N SER K 13 -21.62 -3.53 -17.26
CA SER K 13 -20.34 -3.30 -16.59
C SER K 13 -20.30 -4.09 -15.30
N VAL K 14 -19.24 -4.90 -15.14
CA VAL K 14 -18.99 -5.63 -13.91
C VAL K 14 -17.56 -5.31 -13.49
N GLN K 15 -17.40 -4.76 -12.28
CA GLN K 15 -16.10 -4.46 -11.73
C GLN K 15 -15.94 -5.26 -10.45
N ILE K 16 -14.99 -6.19 -10.45
CA ILE K 16 -14.67 -7.00 -9.28
C ILE K 16 -13.26 -6.65 -8.87
N VAL K 17 -13.12 -5.95 -7.74
CA VAL K 17 -11.81 -5.54 -7.25
C VAL K 17 -11.62 -6.19 -5.89
N TYR K 18 -10.53 -6.93 -5.75
CA TYR K 18 -10.29 -7.74 -4.56
C TYR K 18 -9.08 -7.21 -3.82
N LYS K 19 -9.29 -6.71 -2.61
CA LYS K 19 -8.28 -6.12 -1.74
C LYS K 19 -7.34 -5.16 -2.45
N PRO K 20 -7.84 -4.07 -3.02
CA PRO K 20 -6.94 -3.05 -3.55
C PRO K 20 -6.27 -2.27 -2.42
N VAL K 21 -5.05 -1.84 -2.68
CA VAL K 21 -4.35 -0.91 -1.81
C VAL K 21 -3.99 0.30 -2.66
N CYS K 22 -4.74 1.38 -2.51
CA CYS K 22 -4.54 2.55 -3.33
C CYS K 22 -4.05 3.73 -2.51
N CYS L 2 -9.14 7.20 -4.75
CA CYS L 2 -9.71 7.41 -6.07
C CYS L 2 -10.36 8.79 -6.15
N ASP L 3 -10.02 9.54 -7.19
CA ASP L 3 -10.53 10.89 -7.36
C ASP L 3 -11.01 11.08 -8.79
N ASN L 4 -12.09 11.85 -8.93
CA ASN L 4 -12.64 12.21 -10.24
C ASN L 4 -12.94 10.98 -11.07
N ILE L 5 -13.59 9.99 -10.48
CA ILE L 5 -14.00 8.81 -11.22
C ILE L 5 -15.35 9.08 -11.84
N LYS L 6 -15.52 8.68 -13.09
CA LYS L 6 -16.73 8.93 -13.86
C LYS L 6 -17.25 7.58 -14.36
N HIS L 7 -18.13 6.97 -13.59
CA HIS L 7 -18.65 5.64 -13.88
C HIS L 7 -20.02 5.79 -14.52
N VAL L 8 -20.07 5.71 -15.84
CA VAL L 8 -21.32 5.85 -16.59
C VAL L 8 -21.43 4.72 -17.61
N PRO L 9 -21.64 3.48 -17.18
CA PRO L 9 -21.66 2.36 -18.14
C PRO L 9 -22.77 2.44 -19.18
N GLY L 10 -23.84 3.17 -18.93
CA GLY L 10 -24.94 3.14 -19.88
C GLY L 10 -25.59 1.78 -19.96
N GLY L 11 -25.86 1.15 -18.82
CA GLY L 11 -26.46 -0.16 -18.76
C GLY L 11 -26.54 -0.65 -17.34
N GLY L 12 -26.33 -1.95 -17.13
CA GLY L 12 -26.29 -2.48 -15.78
C GLY L 12 -24.89 -2.37 -15.20
N SER L 13 -24.82 -2.06 -13.92
CA SER L 13 -23.55 -1.85 -13.24
C SER L 13 -23.52 -2.66 -11.96
N VAL L 14 -22.48 -3.48 -11.80
CA VAL L 14 -22.24 -4.23 -10.58
C VAL L 14 -20.82 -3.95 -10.15
N GLN L 15 -20.66 -3.43 -8.94
CA GLN L 15 -19.34 -3.15 -8.37
C GLN L 15 -19.20 -3.97 -7.10
N ILE L 16 -18.27 -4.91 -7.11
CA ILE L 16 -17.97 -5.74 -5.96
C ILE L 16 -16.55 -5.42 -5.54
N VAL L 17 -16.40 -4.75 -4.40
CA VAL L 17 -15.10 -4.35 -3.90
C VAL L 17 -14.92 -5.03 -2.54
N TYR L 18 -13.84 -5.79 -2.40
CA TYR L 18 -13.62 -6.63 -1.23
C TYR L 18 -12.40 -6.12 -0.48
N LYS L 19 -12.61 -5.64 0.74
CA LYS L 19 -11.59 -5.07 1.61
C LYS L 19 -10.63 -4.12 0.93
N PRO L 20 -11.11 -3.01 0.37
CA PRO L 20 -10.19 -2.01 -0.14
C PRO L 20 -9.52 -1.25 0.99
N VAL L 21 -8.29 -0.83 0.75
CA VAL L 21 -7.57 0.08 1.64
C VAL L 21 -7.19 1.29 0.79
N CYS L 22 -7.93 2.38 0.97
CA CYS L 22 -7.70 3.56 0.16
C CYS L 22 -7.20 4.72 1.01
N GLY M 1 -18.65 -9.38 -32.35
CA GLY M 1 -17.53 -8.97 -31.53
C GLY M 1 -17.73 -9.25 -30.06
N SER M 2 -18.13 -10.47 -29.75
CA SER M 2 -18.37 -10.88 -28.37
C SER M 2 -17.13 -11.56 -27.79
N VAL M 3 -17.15 -11.75 -26.47
CA VAL M 3 -16.05 -12.37 -25.75
C VAL M 3 -16.59 -13.53 -24.94
N GLN M 4 -15.95 -14.69 -25.04
CA GLN M 4 -16.32 -15.86 -24.26
C GLN M 4 -15.07 -16.43 -23.60
N ILE M 5 -15.13 -16.60 -22.28
CA ILE M 5 -14.01 -17.08 -21.49
C ILE M 5 -14.46 -18.33 -20.75
N VAL M 6 -13.70 -19.41 -20.86
CA VAL M 6 -13.97 -20.65 -20.16
C VAL M 6 -12.67 -21.12 -19.51
N TYR M 7 -12.74 -21.50 -18.24
CA TYR M 7 -11.57 -22.08 -17.57
C TYR M 7 -11.69 -23.59 -17.46
N GLY N 1 -21.89 -7.74 -29.08
CA GLY N 1 -20.77 -7.35 -28.25
C GLY N 1 -20.98 -7.66 -26.78
N SER N 2 -21.40 -8.87 -26.49
CA SER N 2 -21.65 -9.29 -25.11
C SER N 2 -20.42 -9.99 -24.54
N VAL N 3 -20.45 -10.21 -23.23
CA VAL N 3 -19.36 -10.86 -22.51
C VAL N 3 -19.92 -12.02 -21.71
N GLN N 4 -19.30 -13.19 -21.83
CA GLN N 4 -19.69 -14.36 -21.07
C GLN N 4 -18.46 -14.96 -20.42
N ILE N 5 -18.53 -15.15 -19.10
CA ILE N 5 -17.42 -15.67 -18.31
C ILE N 5 -17.90 -16.92 -17.58
N VAL N 6 -17.14 -18.01 -17.71
CA VAL N 6 -17.45 -19.26 -17.02
C VAL N 6 -16.16 -19.76 -16.38
N TYR N 7 -16.23 -20.14 -15.11
CA TYR N 7 -15.08 -20.75 -14.44
C TYR N 7 -15.22 -22.26 -14.36
N GLY O 1 -25.12 -6.09 -25.79
CA GLY O 1 -23.99 -5.73 -24.95
C GLY O 1 -24.21 -6.05 -23.49
N SER O 2 -24.65 -7.27 -23.21
CA SER O 2 -24.91 -7.71 -21.86
C SER O 2 -23.70 -8.43 -21.28
N VAL O 3 -23.74 -8.67 -19.97
CA VAL O 3 -22.66 -9.35 -19.26
C VAL O 3 -23.25 -10.50 -18.47
N GLN O 4 -22.65 -11.68 -18.60
CA GLN O 4 -23.05 -12.87 -17.87
C GLN O 4 -21.84 -13.49 -17.21
N ILE O 5 -21.91 -13.69 -15.90
CA ILE O 5 -20.81 -14.24 -15.12
C ILE O 5 -21.32 -15.49 -14.41
N VAL O 6 -20.58 -16.59 -14.55
CA VAL O 6 -20.90 -17.85 -13.88
C VAL O 6 -19.62 -18.37 -13.24
N TYR O 7 -19.71 -18.78 -11.98
CA TYR O 7 -18.56 -19.41 -11.32
C TYR O 7 -18.73 -20.92 -11.25
N GLY P 1 -28.33 -4.44 -22.49
CA GLY P 1 -27.20 -4.11 -21.64
C GLY P 1 -27.44 -4.44 -20.18
N SER P 2 -27.89 -5.66 -19.92
CA SER P 2 -28.17 -6.11 -18.57
C SER P 2 -26.97 -6.87 -18.01
N VAL P 3 -27.02 -7.12 -16.70
CA VAL P 3 -25.96 -7.82 -16.00
C VAL P 3 -26.57 -8.99 -15.23
N GLN P 4 -25.98 -10.17 -15.38
CA GLN P 4 -26.41 -11.36 -14.66
C GLN P 4 -25.20 -12.01 -14.01
N ILE P 5 -25.28 -12.22 -12.69
CA ILE P 5 -24.20 -12.81 -11.91
C ILE P 5 -24.72 -14.06 -11.23
N VAL P 6 -24.01 -15.17 -11.39
CA VAL P 6 -24.35 -16.42 -10.73
C VAL P 6 -23.08 -16.98 -10.09
N TYR P 7 -23.18 -17.40 -8.84
CA TYR P 7 -22.04 -18.06 -8.19
C TYR P 7 -22.24 -19.57 -8.15
N CYS Q 2 6.47 -13.78 -7.10
CA CYS Q 2 7.02 -15.12 -6.98
C CYS Q 2 5.90 -16.15 -6.90
N ASP Q 3 5.97 -17.18 -7.72
CA ASP Q 3 4.95 -18.22 -7.77
C ASP Q 3 5.58 -19.59 -7.76
N ASN Q 4 4.92 -20.52 -7.08
CA ASN Q 4 5.35 -21.92 -7.03
C ASN Q 4 6.79 -22.05 -6.55
N ILE Q 5 7.12 -21.35 -5.48
CA ILE Q 5 8.44 -21.47 -4.87
C ILE Q 5 8.42 -22.64 -3.90
N LYS Q 6 9.48 -23.45 -3.93
CA LYS Q 6 9.57 -24.65 -3.12
C LYS Q 6 10.87 -24.55 -2.31
N HIS Q 7 10.77 -24.01 -1.11
CA HIS Q 7 11.93 -23.76 -0.25
C HIS Q 7 12.01 -24.88 0.78
N VAL Q 8 12.86 -25.86 0.52
CA VAL Q 8 13.04 -26.99 1.42
C VAL Q 8 14.54 -27.25 1.64
N PRO Q 9 15.22 -26.36 2.37
CA PRO Q 9 16.67 -26.53 2.54
C PRO Q 9 17.09 -27.81 3.24
N GLY Q 10 16.21 -28.42 4.03
CA GLY Q 10 16.67 -29.57 4.80
C GLY Q 10 17.71 -29.20 5.82
N GLY Q 11 17.47 -28.12 6.58
CA GLY Q 11 18.40 -27.65 7.58
C GLY Q 11 17.92 -26.35 8.18
N GLY Q 12 18.84 -25.45 8.50
CA GLY Q 12 18.46 -24.14 8.97
C GLY Q 12 18.21 -23.19 7.82
N SER Q 13 17.19 -22.35 7.98
CA SER Q 13 16.79 -21.42 6.93
C SER Q 13 16.66 -20.02 7.50
N VAL Q 14 17.35 -19.07 6.87
CA VAL Q 14 17.25 -17.66 7.22
C VAL Q 14 16.95 -16.90 5.95
N GLN Q 15 15.83 -16.19 5.92
CA GLN Q 15 15.44 -15.36 4.78
C GLN Q 15 15.34 -13.93 5.25
N ILE Q 16 16.21 -13.08 4.73
CA ILE Q 16 16.22 -11.65 5.04
C ILE Q 16 15.90 -10.92 3.75
N VAL Q 17 14.70 -10.36 3.67
CA VAL Q 17 14.25 -9.65 2.48
C VAL Q 17 14.00 -8.20 2.90
N TYR Q 18 14.66 -7.27 2.21
CA TYR Q 18 14.65 -5.87 2.59
C TYR Q 18 13.95 -5.05 1.50
N LYS Q 19 12.81 -4.47 1.84
CA LYS Q 19 11.97 -3.67 0.94
C LYS Q 19 11.76 -4.30 -0.43
N PRO Q 20 11.16 -5.49 -0.51
CA PRO Q 20 10.80 -6.01 -1.83
C PRO Q 20 9.62 -5.26 -2.41
N VAL Q 21 9.59 -5.16 -3.72
CA VAL Q 21 8.44 -4.67 -4.46
C VAL Q 21 8.03 -5.77 -5.43
N CYS Q 22 6.98 -6.50 -5.10
CA CYS Q 22 6.56 -7.62 -5.91
C CYS Q 22 5.21 -7.37 -6.55
N CYS R 2 3.05 -12.89 -3.79
CA CYS R 2 3.59 -14.24 -3.70
C CYS R 2 2.44 -15.25 -3.63
N ASP R 3 2.50 -16.28 -4.47
CA ASP R 3 1.46 -17.29 -4.53
C ASP R 3 2.09 -18.67 -4.53
N ASN R 4 1.40 -19.61 -3.88
CA ASN R 4 1.81 -21.01 -3.85
C ASN R 4 3.24 -21.17 -3.36
N ILE R 5 3.58 -20.50 -2.28
CA ILE R 5 4.90 -20.64 -1.67
C ILE R 5 4.86 -21.82 -0.72
N LYS R 6 5.90 -22.65 -0.75
CA LYS R 6 5.98 -23.87 0.05
C LYS R 6 7.26 -23.79 0.86
N HIS R 7 7.17 -23.27 2.07
CA HIS R 7 8.33 -23.05 2.93
C HIS R 7 8.39 -24.18 3.95
N VAL R 8 9.23 -25.18 3.67
CA VAL R 8 9.38 -26.32 4.56
C VAL R 8 10.87 -26.60 4.79
N PRO R 9 11.57 -25.74 5.53
CA PRO R 9 13.02 -25.94 5.70
C PRO R 9 13.41 -27.22 6.38
N GLY R 10 12.53 -27.84 7.16
CA GLY R 10 12.96 -29.01 7.92
C GLY R 10 14.01 -28.66 8.95
N GLY R 11 13.78 -27.60 9.71
CA GLY R 11 14.71 -27.16 10.73
C GLY R 11 14.25 -25.86 11.35
N GLY R 12 15.19 -24.97 11.67
CA GLY R 12 14.82 -23.66 12.18
C GLY R 12 14.58 -22.69 11.03
N SER R 13 13.59 -21.84 11.19
CA SER R 13 13.20 -20.89 10.15
C SER R 13 13.09 -19.50 10.75
N VAL R 14 13.80 -18.55 10.15
CA VAL R 14 13.71 -17.14 10.51
C VAL R 14 13.43 -16.36 9.24
N GLN R 15 12.33 -15.63 9.22
CA GLN R 15 11.96 -14.79 8.09
C GLN R 15 11.89 -13.35 8.59
N ILE R 16 12.77 -12.51 8.08
CA ILE R 16 12.78 -11.09 8.41
C ILE R 16 12.49 -10.34 7.13
N VAL R 17 11.30 -9.74 7.04
CA VAL R 17 10.87 -9.01 5.88
C VAL R 17 10.64 -7.57 6.30
N TYR R 18 11.32 -6.64 5.64
CA TYR R 18 11.31 -5.25 6.03
C TYR R 18 10.65 -4.41 4.95
N LYS R 19 9.51 -3.80 5.30
CA LYS R 19 8.69 -2.99 4.41
C LYS R 19 8.48 -3.59 3.03
N PRO R 20 7.85 -4.76 2.92
CA PRO R 20 7.49 -5.27 1.60
C PRO R 20 6.32 -4.49 1.02
N VAL R 21 6.31 -4.37 -0.29
CA VAL R 21 5.16 -3.85 -1.02
C VAL R 21 4.75 -4.93 -2.00
N CYS R 22 3.67 -5.64 -1.69
CA CYS R 22 3.25 -6.75 -2.51
C CYS R 22 1.89 -6.46 -3.16
N CYS S 2 -0.35 -11.99 -0.49
CA CYS S 2 0.15 -13.36 -0.41
C CYS S 2 -1.00 -14.34 -0.35
N ASP S 3 -0.95 -15.36 -1.21
CA ASP S 3 -2.01 -16.36 -1.29
C ASP S 3 -1.41 -17.75 -1.32
N ASN S 4 -2.11 -18.68 -0.68
CA ASN S 4 -1.73 -20.09 -0.66
C ASN S 4 -0.30 -20.28 -0.17
N ILE S 5 0.04 -19.63 0.92
CA ILE S 5 1.35 -19.80 1.53
C ILE S 5 1.30 -21.00 2.46
N LYS S 6 2.32 -21.84 2.42
CA LYS S 6 2.38 -23.07 3.21
C LYS S 6 3.66 -23.02 4.02
N HIS S 7 3.58 -22.52 5.25
CA HIS S 7 4.73 -22.32 6.11
C HIS S 7 4.77 -23.47 7.11
N VAL S 8 5.59 -24.48 6.82
CA VAL S 8 5.73 -25.65 7.69
C VAL S 8 7.22 -25.95 7.93
N PRO S 9 7.92 -25.11 8.69
CA PRO S 9 9.36 -25.32 8.86
C PRO S 9 9.73 -26.64 9.52
N GLY S 10 8.84 -27.25 10.28
CA GLY S 10 9.25 -28.43 11.03
C GLY S 10 10.29 -28.12 12.07
N GLY S 11 10.09 -27.07 12.85
CA GLY S 11 11.02 -26.65 13.88
C GLY S 11 10.57 -25.35 14.51
N GLY S 12 11.52 -24.48 14.85
CA GLY S 12 11.17 -23.17 15.37
C GLY S 12 10.96 -22.19 14.23
N SER S 13 9.97 -21.31 14.41
CA SER S 13 9.61 -20.35 13.38
C SER S 13 9.52 -18.96 14.00
N VAL S 14 10.25 -18.02 13.41
CA VAL S 14 10.18 -16.62 13.80
C VAL S 14 9.92 -15.81 12.53
N GLN S 15 8.82 -15.06 12.52
CA GLN S 15 8.48 -14.20 11.40
C GLN S 15 8.42 -12.78 11.91
N ILE S 16 9.32 -11.93 11.42
CA ILE S 16 9.35 -10.52 11.78
C ILE S 16 9.08 -9.74 10.50
N VAL S 17 7.91 -9.13 10.42
CA VAL S 17 7.48 -8.38 9.26
C VAL S 17 7.27 -6.93 9.71
N TYR S 18 7.97 -6.00 9.06
CA TYR S 18 7.99 -4.61 9.47
C TYR S 18 7.34 -3.76 8.40
N LYS S 19 6.20 -3.13 8.75
CA LYS S 19 5.40 -2.29 7.87
C LYS S 19 5.18 -2.87 6.48
N PRO S 20 4.56 -4.04 6.35
CA PRO S 20 4.18 -4.52 5.03
C PRO S 20 3.03 -3.71 4.46
N VAL S 21 3.02 -3.57 3.14
CA VAL S 21 1.88 -3.02 2.42
C VAL S 21 1.45 -4.08 1.42
N CYS S 22 0.37 -4.78 1.71
CA CYS S 22 -0.07 -5.87 0.87
C CYS S 22 -1.41 -5.55 0.23
N CYS T 2 -3.77 -11.10 2.81
CA CYS T 2 -3.29 -12.46 2.87
C CYS T 2 -4.45 -13.43 2.90
N ASP T 3 -4.41 -14.43 2.04
CA ASP T 3 -5.49 -15.41 1.95
C ASP T 3 -4.91 -16.81 1.90
N ASN T 4 -5.63 -17.75 2.52
CA ASN T 4 -5.27 -19.16 2.52
C ASN T 4 -3.84 -19.38 3.01
N ILE T 5 -3.49 -18.75 4.12
CA ILE T 5 -2.19 -18.95 4.73
C ILE T 5 -2.27 -20.16 5.64
N LYS T 6 -1.25 -21.01 5.60
CA LYS T 6 -1.22 -22.25 6.36
C LYS T 6 0.07 -22.24 7.19
N HIS T 7 -0.02 -21.75 8.41
CA HIS T 7 1.13 -21.59 9.29
C HIS T 7 1.15 -22.75 10.27
N VAL T 8 1.96 -23.77 9.98
CA VAL T 8 2.07 -24.94 10.83
C VAL T 8 3.54 -25.27 11.06
N PRO T 9 4.27 -24.46 11.83
CA PRO T 9 5.70 -24.70 12.01
C PRO T 9 6.05 -26.03 12.65
N GLY T 10 5.15 -26.63 13.40
CA GLY T 10 5.53 -27.83 14.13
C GLY T 10 6.59 -27.55 15.19
N GLY T 11 6.38 -26.50 15.97
CA GLY T 11 7.31 -26.12 17.01
C GLY T 11 6.89 -24.82 17.66
N GLY T 12 7.85 -23.98 18.02
CA GLY T 12 7.53 -22.67 18.55
C GLY T 12 7.33 -21.66 17.43
N SER T 13 6.35 -20.78 17.62
CA SER T 13 6.01 -19.79 16.61
C SER T 13 5.94 -18.41 17.23
N VAL T 14 6.69 -17.47 16.66
CA VAL T 14 6.65 -16.08 17.07
C VAL T 14 6.40 -15.25 15.82
N GLN T 15 5.31 -14.48 15.81
CA GLN T 15 4.99 -13.60 14.70
C GLN T 15 4.95 -12.18 15.23
N ILE T 16 5.87 -11.34 14.76
CA ILE T 16 5.92 -9.94 15.13
C ILE T 16 5.66 -9.15 13.87
N VAL T 17 4.50 -8.51 13.79
CA VAL T 17 4.10 -7.73 12.64
C VAL T 17 3.90 -6.30 13.11
N TYR T 18 4.61 -5.36 12.47
CA TYR T 18 4.66 -3.98 12.91
C TYR T 18 4.03 -3.10 11.85
N LYS T 19 2.91 -2.46 12.19
CA LYS T 19 2.12 -1.60 11.32
C LYS T 19 1.89 -2.16 9.92
N PRO T 20 1.24 -3.31 9.78
CA PRO T 20 0.87 -3.77 8.45
C PRO T 20 -0.27 -2.93 7.89
N VAL T 21 -0.27 -2.78 6.57
CA VAL T 21 -1.39 -2.20 5.86
C VAL T 21 -1.84 -3.23 4.84
N CYS T 22 -2.93 -3.92 5.12
CA CYS T 22 -3.39 -4.99 4.26
C CYS T 22 -4.72 -4.65 3.61
N GLY U 1 23.77 -29.06 9.81
CA GLY U 1 23.15 -28.12 8.90
C GLY U 1 22.49 -26.93 9.59
N SER U 2 23.25 -26.31 10.48
CA SER U 2 22.75 -25.16 11.23
C SER U 2 23.16 -23.86 10.54
N VAL U 3 22.57 -22.76 10.99
CA VAL U 3 22.83 -21.43 10.45
C VAL U 3 23.21 -20.50 11.60
N GLN U 4 24.31 -19.78 11.44
CA GLN U 4 24.76 -18.81 12.42
C GLN U 4 25.04 -17.49 11.71
N ILE U 5 24.41 -16.41 12.19
CA ILE U 5 24.54 -15.09 11.61
C ILE U 5 25.04 -14.14 12.68
N VAL U 6 26.10 -13.39 12.38
CA VAL U 6 26.66 -12.40 13.29
C VAL U 6 26.88 -11.12 12.49
N TYR U 7 26.45 -9.99 13.04
CA TYR U 7 26.71 -8.70 12.40
C TYR U 7 27.86 -7.97 13.11
N GLY V 1 20.05 -28.68 12.96
CA GLY V 1 19.44 -27.71 12.05
C GLY V 1 18.81 -26.53 12.76
N SER V 2 19.56 -25.92 13.67
CA SER V 2 19.08 -24.79 14.42
C SER V 2 19.52 -23.48 13.76
N VAL V 3 18.94 -22.37 14.23
CA VAL V 3 19.23 -21.05 13.71
C VAL V 3 19.61 -20.15 14.87
N GLN V 4 20.73 -19.43 14.72
CA GLN V 4 21.19 -18.48 15.71
C GLN V 4 21.49 -17.15 15.03
N ILE V 5 20.88 -16.08 15.52
CA ILE V 5 21.03 -14.74 14.96
C ILE V 5 21.55 -13.82 16.05
N VAL V 6 22.62 -13.09 15.76
CA VAL V 6 23.19 -12.11 16.68
C VAL V 6 23.42 -10.83 15.90
N TYR V 7 23.01 -9.70 16.46
CA TYR V 7 23.31 -8.41 15.85
C TYR V 7 24.46 -7.71 16.57
N GLY W 1 16.32 -28.27 16.11
CA GLY W 1 15.73 -27.30 15.20
C GLY W 1 15.12 -26.11 15.93
N SER W 2 15.88 -25.53 16.84
CA SER W 2 15.41 -24.39 17.62
C SER W 2 15.87 -23.09 16.98
N VAL W 3 15.31 -21.98 17.46
CA VAL W 3 15.62 -20.65 16.96
C VAL W 3 16.02 -19.77 18.13
N GLN W 4 17.14 -19.08 17.99
CA GLN W 4 17.61 -18.13 19.00
C GLN W 4 17.94 -16.81 18.33
N ILE W 5 17.34 -15.73 18.84
CA ILE W 5 17.52 -14.40 18.30
C ILE W 5 18.04 -13.50 19.40
N VAL W 6 19.12 -12.77 19.12
CA VAL W 6 19.71 -11.82 20.07
C VAL W 6 19.98 -10.53 19.30
N TYR W 7 19.58 -9.40 19.88
CA TYR W 7 19.89 -8.11 19.28
C TYR W 7 21.05 -7.43 20.02
N GLY X 1 12.58 -27.87 19.24
CA GLY X 1 12.02 -26.86 18.35
C GLY X 1 11.42 -25.68 19.09
N SER X 2 12.19 -25.12 20.02
CA SER X 2 11.73 -24.00 20.81
C SER X 2 12.22 -22.68 20.17
N VAL X 3 11.67 -21.58 20.67
CA VAL X 3 12.01 -20.24 20.19
C VAL X 3 12.41 -19.38 21.38
N GLN X 4 13.55 -18.70 21.25
CA GLN X 4 14.03 -17.78 22.28
C GLN X 4 14.38 -16.46 21.63
N ILE X 5 13.80 -15.37 22.15
CA ILE X 5 14.00 -14.03 21.63
C ILE X 5 14.53 -13.16 22.75
N VAL X 6 15.63 -12.45 22.48
CA VAL X 6 16.23 -11.53 23.44
C VAL X 6 16.51 -10.22 22.70
N TYR X 7 16.13 -9.10 23.29
CA TYR X 7 16.47 -7.80 22.72
C TYR X 7 17.64 -7.16 23.46
N CYS Y 2 1.50 6.63 14.21
CA CYS Y 2 2.69 7.48 14.35
C CYS Y 2 3.24 7.38 15.76
N ASP Y 3 4.54 7.13 15.88
CA ASP Y 3 5.19 6.98 17.17
C ASP Y 3 6.47 7.79 17.21
N ASN Y 4 6.75 8.35 18.38
CA ASN Y 4 7.98 9.10 18.62
C ASN Y 4 8.16 10.23 17.62
N ILE Y 5 7.11 10.99 17.39
CA ILE Y 5 7.19 12.14 16.51
C ILE Y 5 7.66 13.34 17.32
N LYS Y 6 8.58 14.12 16.76
CA LYS Y 6 9.19 15.25 17.44
C LYS Y 6 8.97 16.48 16.56
N HIS Y 7 7.89 17.20 16.81
CA HIS Y 7 7.51 18.34 15.99
C HIS Y 7 7.93 19.61 16.72
N VAL Y 8 9.06 20.17 16.33
CA VAL Y 8 9.59 21.39 16.95
C VAL Y 8 10.02 22.38 15.86
N PRO Y 9 9.07 22.97 15.13
CA PRO Y 9 9.44 23.86 14.03
C PRO Y 9 10.23 25.08 14.44
N GLY Y 10 10.15 25.52 15.69
CA GLY Y 10 10.80 26.76 16.04
C GLY Y 10 10.20 27.95 15.32
N GLY Y 11 8.88 28.05 15.31
CA GLY Y 11 8.19 29.12 14.65
C GLY Y 11 6.69 28.90 14.70
N GLY Y 12 5.98 29.27 13.62
CA GLY Y 12 4.56 28.99 13.55
C GLY Y 12 4.31 27.60 12.99
N SER Y 13 3.30 26.93 13.55
CA SER Y 13 2.98 25.57 13.17
C SER Y 13 1.50 25.46 12.86
N VAL Y 14 1.18 24.95 11.67
CA VAL Y 14 -0.19 24.67 11.28
C VAL Y 14 -0.24 23.22 10.80
N GLN Y 15 -1.06 22.41 11.44
CA GLN Y 15 -1.25 21.01 11.06
C GLN Y 15 -2.71 20.83 10.68
N ILE Y 16 -2.95 20.52 9.41
CA ILE Y 16 -4.29 20.24 8.92
C ILE Y 16 -4.31 18.80 8.47
N VAL Y 17 -5.01 17.95 9.21
CA VAL Y 17 -5.09 16.53 8.90
C VAL Y 17 -6.55 16.21 8.64
N TYR Y 18 -6.84 15.65 7.47
CA TYR Y 18 -8.20 15.43 7.01
C TYR Y 18 -8.46 13.94 6.91
N LYS Y 19 -9.38 13.45 7.73
CA LYS Y 19 -9.77 12.03 7.82
C LYS Y 19 -8.59 11.07 7.83
N PRO Y 20 -7.70 11.15 8.81
CA PRO Y 20 -6.67 10.11 8.92
C PRO Y 20 -7.26 8.81 9.42
N VAL Y 21 -6.68 7.70 8.99
CA VAL Y 21 -6.97 6.38 9.52
C VAL Y 21 -5.65 5.81 10.02
N CYS Y 22 -5.45 5.84 11.32
CA CYS Y 22 -4.19 5.40 11.89
C CYS Y 22 -4.38 4.14 12.73
N GLY Z 1 9.40 33.99 11.40
CA GLY Z 1 8.96 32.62 11.24
C GLY Z 1 7.47 32.43 11.50
N SER Z 2 6.65 33.28 10.89
CA SER Z 2 5.22 33.22 11.07
C SER Z 2 4.58 32.41 9.95
N VAL Z 3 3.30 32.08 10.12
CA VAL Z 3 2.53 31.29 9.17
C VAL Z 3 1.26 32.06 8.82
N GLN Z 4 0.99 32.19 7.52
CA GLN Z 4 -0.23 32.83 7.04
C GLN Z 4 -0.90 31.92 6.03
N ILE Z 5 -2.17 31.62 6.26
CA ILE Z 5 -2.94 30.73 5.40
C ILE Z 5 -4.17 31.49 4.91
N VAL Z 6 -4.39 31.49 3.60
CA VAL Z 6 -5.56 32.12 3.00
C VAL Z 6 -6.16 31.13 2.02
N TYR Z 7 -7.48 30.95 2.07
CA TYR Z 7 -8.16 30.11 1.10
C TYR Z 7 -8.87 30.95 0.05
N CYS AA 2 -12.21 8.31 -1.18
CA CYS AA 2 -12.77 8.55 -2.52
C CYS AA 2 -13.39 9.93 -2.57
N ASP AA 3 -13.04 10.70 -3.59
CA ASP AA 3 -13.53 12.06 -3.75
C ASP AA 3 -14.00 12.28 -5.18
N ASN AA 4 -15.07 13.07 -5.31
CA ASN AA 4 -15.61 13.45 -6.61
C ASN AA 4 -15.93 12.24 -7.48
N ILE AA 5 -16.59 11.26 -6.89
CA ILE AA 5 -17.02 10.08 -7.64
C ILE AA 5 -18.37 10.39 -8.28
N LYS AA 6 -18.53 10.00 -9.53
CA LYS AA 6 -19.74 10.29 -10.31
C LYS AA 6 -20.26 8.96 -10.82
N HIS AA 7 -21.17 8.35 -10.06
CA HIS AA 7 -21.71 7.03 -10.37
C HIS AA 7 -23.08 7.21 -11.01
N VAL AA 8 -23.12 7.14 -12.34
CA VAL AA 8 -24.37 7.32 -13.08
C VAL AA 8 -24.49 6.21 -14.13
N PRO AA 9 -24.72 4.96 -13.71
CA PRO AA 9 -24.76 3.85 -14.69
C PRO AA 9 -25.85 3.98 -15.73
N GLY AA 10 -26.91 4.72 -15.48
CA GLY AA 10 -28.01 4.71 -16.43
C GLY AA 10 -28.68 3.36 -16.53
N GLY AA 11 -28.96 2.73 -15.40
CA GLY AA 11 -29.59 1.42 -15.36
C GLY AA 11 -29.67 0.91 -13.94
N GLY AA 12 -29.49 -0.39 -13.76
CA GLY AA 12 -29.46 -0.95 -12.41
C GLY AA 12 -28.06 -0.87 -11.83
N SER AA 13 -28.00 -0.57 -10.54
CA SER AA 13 -26.73 -0.39 -9.85
C SER AA 13 -26.71 -1.23 -8.58
N VAL AA 14 -25.69 -2.06 -8.43
CA VAL AA 14 -25.46 -2.84 -7.23
C VAL AA 14 -24.03 -2.58 -6.79
N GLN AA 15 -23.87 -2.08 -5.58
CA GLN AA 15 -22.55 -1.84 -5.00
C GLN AA 15 -22.42 -2.67 -3.74
N ILE AA 16 -21.51 -3.63 -3.76
CA ILE AA 16 -21.23 -4.48 -2.61
C ILE AA 16 -19.81 -4.19 -2.19
N VAL AA 17 -19.65 -3.53 -1.05
CA VAL AA 17 -18.34 -3.16 -0.52
C VAL AA 17 -18.18 -3.86 0.82
N TYR AA 18 -17.12 -4.64 0.95
CA TYR AA 18 -16.91 -5.49 2.11
C TYR AA 18 -15.69 -5.02 2.88
N LYS AA 19 -15.90 -4.55 4.10
CA LYS AA 19 -14.87 -4.01 4.99
C LYS AA 19 -13.89 -3.06 4.32
N PRO AA 20 -14.36 -1.94 3.77
CA PRO AA 20 -13.41 -0.94 3.28
C PRO AA 20 -12.74 -0.21 4.43
N VAL AA 21 -11.50 0.19 4.20
CA VAL AA 21 -10.77 1.08 5.10
C VAL AA 21 -10.37 2.29 4.28
N CYS AA 22 -11.09 3.39 4.46
CA CYS AA 22 -10.85 4.58 3.67
C CYS AA 22 -10.33 5.71 4.54
N GLY BA 1 -31.51 -2.78 -19.16
CA GLY BA 1 -30.39 -2.48 -18.31
C GLY BA 1 -30.62 -2.82 -16.85
N SER BA 2 -31.11 -4.04 -16.62
CA SER BA 2 -31.39 -4.51 -15.26
C SER BA 2 -30.20 -5.29 -14.71
N VAL BA 3 -30.26 -5.56 -13.41
CA VAL BA 3 -29.21 -6.29 -12.70
C VAL BA 3 -29.84 -7.45 -11.96
N GLN BA 4 -29.27 -8.64 -12.13
CA GLN BA 4 -29.72 -9.84 -11.43
C GLN BA 4 -28.52 -10.51 -10.78
N ILE BA 5 -28.62 -10.75 -9.47
CA ILE BA 5 -27.54 -11.35 -8.70
C ILE BA 5 -28.10 -12.61 -8.03
N VAL BA 6 -27.39 -13.72 -8.19
CA VAL BA 6 -27.75 -14.99 -7.57
C VAL BA 6 -26.50 -15.57 -6.93
N TYR BA 7 -26.60 -16.02 -5.68
CA TYR BA 7 -25.49 -16.70 -5.03
C TYR BA 7 -25.71 -18.20 -5.02
N CYS CA 2 -7.18 -10.17 6.10
CA CYS CA 2 -6.72 -11.56 6.15
C CYS CA 2 -7.90 -12.50 6.17
N ASP CA 3 -7.88 -13.50 5.28
CA ASP CA 3 -8.96 -14.46 5.17
C ASP CA 3 -8.41 -15.87 5.11
N ASN CA 4 -9.14 -16.80 5.72
CA ASN CA 4 -8.81 -18.22 5.69
C ASN CA 4 -7.38 -18.47 6.18
N ILE CA 5 -7.04 -17.85 7.31
CA ILE CA 5 -5.73 -18.09 7.91
C ILE CA 5 -5.84 -19.30 8.82
N LYS CA 6 -4.84 -20.17 8.76
CA LYS CA 6 -4.82 -21.42 9.51
C LYS CA 6 -3.54 -21.44 10.33
N HIS CA 7 -3.63 -20.97 11.57
CA HIS CA 7 -2.48 -20.84 12.45
C HIS CA 7 -2.48 -22.02 13.41
N VAL CA 8 -1.68 -23.04 13.11
CA VAL CA 8 -1.59 -24.23 13.94
C VAL CA 8 -0.13 -24.59 14.18
N PRO CA 9 0.60 -23.79 14.97
CA PRO CA 9 2.04 -24.07 15.15
C PRO CA 9 2.36 -25.40 15.77
N GLY CA 10 1.44 -26.01 16.51
CA GLY CA 10 1.81 -27.22 17.22
C GLY CA 10 2.86 -26.97 18.29
N GLY CA 11 2.67 -25.92 19.08
CA GLY CA 11 3.60 -25.57 20.14
C GLY CA 11 3.20 -24.28 20.80
N GLY CA 12 4.17 -23.45 21.17
CA GLY CA 12 3.87 -22.15 21.73
C GLY CA 12 3.69 -21.13 20.62
N SER CA 13 2.73 -20.23 20.81
CA SER CA 13 2.41 -19.22 19.81
C SER CA 13 2.36 -17.85 20.46
N VAL CA 14 3.12 -16.91 19.90
CA VAL CA 14 3.09 -15.52 20.33
C VAL CA 14 2.87 -14.67 19.09
N GLN CA 15 1.80 -13.89 19.09
CA GLN CA 15 1.48 -12.98 17.99
C GLN CA 15 1.47 -11.57 18.55
N ILE CA 16 2.39 -10.75 18.09
CA ILE CA 16 2.47 -9.35 18.47
C ILE CA 16 2.23 -8.53 17.22
N VAL CA 17 1.07 -7.88 17.16
CA VAL CA 17 0.70 -7.08 16.01
C VAL CA 17 0.52 -5.64 16.49
N TYR CA 18 1.25 -4.72 15.88
CA TYR CA 18 1.31 -3.34 16.33
C TYR CA 18 0.69 -2.44 15.28
N LYS CA 19 -0.41 -1.79 15.63
CA LYS CA 19 -1.18 -0.90 14.77
C LYS CA 19 -1.41 -1.43 13.36
N PRO CA 20 -2.07 -2.57 13.20
CA PRO CA 20 -2.46 -3.00 11.86
C PRO CA 20 -3.58 -2.14 11.31
N VAL CA 21 -3.57 -1.97 9.99
CA VAL CA 21 -4.69 -1.37 9.28
C VAL CA 21 -5.14 -2.38 8.24
N CYS CA 22 -6.24 -3.05 8.51
CA CYS CA 22 -6.71 -4.10 7.64
C CYS CA 22 -8.04 -3.73 7.00
N GLY DA 1 8.84 -27.43 22.36
CA GLY DA 1 8.29 -26.41 21.48
C GLY DA 1 7.71 -25.23 22.23
N SER DA 2 8.48 -24.70 23.17
CA SER DA 2 8.04 -23.56 23.97
C SER DA 2 8.55 -22.26 23.36
N VAL DA 3 8.01 -21.15 23.87
CA VAL DA 3 8.37 -19.82 23.41
C VAL DA 3 8.79 -18.98 24.61
N GLN DA 4 9.93 -18.31 24.50
CA GLN DA 4 10.44 -17.42 25.54
C GLN DA 4 10.80 -16.09 24.92
N ILE DA 5 10.24 -15.01 25.45
CA ILE DA 5 10.46 -13.66 24.94
C ILE DA 5 11.00 -12.81 26.07
N VAL DA 6 12.11 -12.12 25.83
CA VAL DA 6 12.72 -11.21 26.80
C VAL DA 6 13.03 -9.91 26.07
N TYR DA 7 12.66 -8.78 26.68
CA TYR DA 7 13.02 -7.48 26.13
C TYR DA 7 14.20 -6.87 26.88
#